data_4UHS
#
_entry.id   4UHS
#
_cell.length_a   114.222
_cell.length_b   114.222
_cell.length_c   356.734
_cell.angle_alpha   90.00
_cell.angle_beta   90.00
_cell.angle_gamma   90.00
#
_symmetry.space_group_name_H-M   'I 41 2 2'
#
loop_
_entity.id
_entity.type
_entity.pdbx_description
1 polymer 'TRANSCRIPTIONAL REGULATORY PROTEIN CPXR'
2 non-polymer 'MAGNESIUM ION'
#
_entity_poly.entity_id   1
_entity_poly.type   'polypeptide(L)'
_entity_poly.pdbx_seq_one_letter_code
;MNKILLVDDDRELTSLLKELLEMEGFNVIVAHDGEQALDLLDDSIDLLLLDVMMPKKNGIDTLKALRQTHQTPVIMLTAR
GSELDRVLGLELGADDYLPKPFNDRELVARIRAILRRSHWSEQKLAAALEHHHHHH
;
_entity_poly.pdbx_strand_id   A,B,C
#
# COMPACT_ATOMS: atom_id res chain seq x y z
N ASN A 2 -19.60 3.98 16.23
CA ASN A 2 -18.52 3.29 15.52
C ASN A 2 -17.89 2.24 16.42
N LYS A 3 -17.74 1.03 15.87
CA LYS A 3 -17.21 -0.16 16.52
C LYS A 3 -15.77 -0.45 16.12
N ILE A 4 -14.87 -0.48 17.11
CA ILE A 4 -13.43 -0.71 16.93
C ILE A 4 -13.03 -2.06 17.53
N LEU A 5 -12.29 -2.85 16.73
CA LEU A 5 -11.72 -4.10 17.19
C LEU A 5 -10.24 -3.84 17.49
N LEU A 6 -9.88 -3.89 18.80
CA LEU A 6 -8.52 -3.69 19.33
C LEU A 6 -7.81 -5.02 19.35
N VAL A 7 -6.66 -5.12 18.66
CA VAL A 7 -5.91 -6.38 18.64
C VAL A 7 -4.48 -6.12 19.09
N ASP A 8 -4.16 -6.59 20.29
CA ASP A 8 -2.85 -6.45 20.91
C ASP A 8 -2.75 -7.43 22.08
N ASP A 9 -1.58 -8.08 22.24
CA ASP A 9 -1.34 -9.04 23.30
C ASP A 9 -1.08 -8.34 24.64
N ASP A 10 -0.70 -7.05 24.61
CA ASP A 10 -0.43 -6.26 25.82
C ASP A 10 -1.77 -5.89 26.46
N ARG A 11 -2.18 -6.64 27.50
CA ARG A 11 -3.44 -6.45 28.22
C ARG A 11 -3.48 -5.11 28.97
N GLU A 12 -2.31 -4.59 29.40
CA GLU A 12 -2.24 -3.29 30.04
C GLU A 12 -2.55 -2.18 29.00
N LEU A 13 -1.98 -2.29 27.78
CA LEU A 13 -2.26 -1.32 26.72
C LEU A 13 -3.71 -1.40 26.23
N THR A 14 -4.26 -2.61 26.01
CA THR A 14 -5.64 -2.75 25.52
C THR A 14 -6.64 -2.17 26.54
N SER A 15 -6.42 -2.39 27.86
CA SER A 15 -7.29 -1.84 28.92
C SER A 15 -7.26 -0.30 28.89
N LEU A 16 -6.06 0.29 28.77
CA LEU A 16 -5.87 1.73 28.73
C LEU A 16 -6.51 2.33 27.46
N LEU A 17 -6.27 1.71 26.28
CA LEU A 17 -6.81 2.18 25.01
C LEU A 17 -8.32 2.02 24.95
N LYS A 18 -8.88 0.91 25.48
CA LYS A 18 -10.32 0.68 25.52
C LYS A 18 -11.00 1.80 26.29
N GLU A 19 -10.44 2.16 27.45
CA GLU A 19 -10.96 3.24 28.29
C GLU A 19 -10.88 4.59 27.57
N LEU A 20 -9.73 4.90 26.96
CA LEU A 20 -9.51 6.14 26.21
C LEU A 20 -10.53 6.26 25.06
N LEU A 21 -10.66 5.20 24.23
CA LEU A 21 -11.55 5.20 23.06
C LEU A 21 -13.05 5.21 23.45
N GLU A 22 -13.43 4.53 24.56
CA GLU A 22 -14.82 4.55 25.02
C GLU A 22 -15.18 5.93 25.49
N MET A 23 -14.21 6.65 26.11
CA MET A 23 -14.37 8.03 26.58
C MET A 23 -14.50 8.97 25.38
N GLU A 24 -14.03 8.56 24.20
CA GLU A 24 -14.11 9.32 22.95
C GLU A 24 -15.37 8.92 22.12
N GLY A 25 -16.24 8.12 22.71
CA GLY A 25 -17.51 7.71 22.11
C GLY A 25 -17.53 6.46 21.25
N PHE A 26 -16.48 5.66 21.29
CA PHE A 26 -16.45 4.45 20.48
C PHE A 26 -16.85 3.21 21.27
N ASN A 27 -17.34 2.20 20.55
CA ASN A 27 -17.66 0.87 21.06
C ASN A 27 -16.41 0.02 20.80
N VAL A 28 -15.75 -0.47 21.85
CA VAL A 28 -14.50 -1.19 21.69
C VAL A 28 -14.62 -2.65 22.14
N ILE A 29 -14.13 -3.56 21.29
CA ILE A 29 -14.03 -4.99 21.62
C ILE A 29 -12.54 -5.36 21.48
N VAL A 30 -12.07 -6.27 22.35
CA VAL A 30 -10.64 -6.59 22.41
C VAL A 30 -10.34 -8.05 22.03
N ALA A 31 -9.23 -8.25 21.27
CA ALA A 31 -8.63 -9.55 20.92
C ALA A 31 -7.17 -9.51 21.35
N HIS A 32 -6.64 -10.61 21.90
CA HIS A 32 -5.26 -10.59 22.40
C HIS A 32 -4.27 -11.31 21.46
N ASP A 33 -4.73 -11.80 20.31
CA ASP A 33 -3.91 -12.44 19.29
C ASP A 33 -4.65 -12.42 17.95
N GLY A 34 -3.94 -12.74 16.89
CA GLY A 34 -4.46 -12.77 15.52
C GLY A 34 -5.59 -13.75 15.26
N GLU A 35 -5.58 -14.92 15.92
CA GLU A 35 -6.61 -15.95 15.78
C GLU A 35 -7.93 -15.44 16.38
N GLN A 36 -7.86 -14.82 17.58
CA GLN A 36 -9.04 -14.26 18.24
C GLN A 36 -9.60 -13.10 17.42
N ALA A 37 -8.72 -12.31 16.78
CA ALA A 37 -9.11 -11.18 15.93
C ALA A 37 -9.96 -11.66 14.75
N LEU A 38 -9.51 -12.73 14.06
CA LEU A 38 -10.22 -13.28 12.91
C LEU A 38 -11.55 -13.89 13.34
N ASP A 39 -11.64 -14.40 14.57
CA ASP A 39 -12.88 -14.94 15.12
C ASP A 39 -13.89 -13.83 15.37
N LEU A 40 -13.41 -12.65 15.82
CA LEU A 40 -14.26 -11.51 16.15
C LEU A 40 -14.53 -10.58 14.96
N LEU A 41 -13.83 -10.75 13.83
CA LEU A 41 -14.03 -9.87 12.68
C LEU A 41 -15.22 -10.27 11.84
N ASP A 42 -16.19 -9.37 11.77
CA ASP A 42 -17.40 -9.52 10.96
C ASP A 42 -17.77 -8.12 10.42
N ASP A 43 -18.93 -8.02 9.72
CA ASP A 43 -19.40 -6.78 9.10
C ASP A 43 -19.73 -5.66 10.11
N SER A 44 -19.88 -5.97 11.42
CA SER A 44 -20.19 -4.95 12.44
C SER A 44 -18.96 -4.11 12.81
N ILE A 45 -17.75 -4.56 12.45
CA ILE A 45 -16.51 -3.85 12.77
C ILE A 45 -16.28 -2.72 11.75
N ASP A 46 -16.08 -1.50 12.27
CA ASP A 46 -15.84 -0.33 11.44
C ASP A 46 -14.37 -0.07 11.25
N LEU A 47 -13.52 -0.54 12.18
CA LEU A 47 -12.07 -0.34 12.14
C LEU A 47 -11.34 -1.31 13.06
N LEU A 48 -10.15 -1.73 12.62
CA LEU A 48 -9.23 -2.54 13.41
C LEU A 48 -7.99 -1.76 13.79
N LEU A 49 -7.56 -1.86 15.05
CA LEU A 49 -6.28 -1.36 15.54
C LEU A 49 -5.47 -2.60 15.72
N LEU A 50 -4.42 -2.73 14.95
CA LEU A 50 -3.73 -3.99 14.98
C LEU A 50 -2.25 -3.85 15.32
N ASP A 51 -1.82 -4.66 16.27
CA ASP A 51 -0.41 -4.80 16.62
C ASP A 51 0.29 -5.77 15.60
N VAL A 52 1.64 -5.84 15.61
CA VAL A 52 2.38 -6.74 14.72
C VAL A 52 2.86 -7.94 15.56
N MET A 53 3.83 -7.72 16.48
CA MET A 53 4.42 -8.78 17.33
C MET A 53 3.39 -9.30 18.35
N MET A 54 2.79 -10.47 18.06
CA MET A 54 1.82 -11.16 18.92
C MET A 54 2.04 -12.66 18.87
N PRO A 55 1.68 -13.42 19.94
CA PRO A 55 1.76 -14.89 19.84
C PRO A 55 0.58 -15.46 19.02
N LYS A 56 0.65 -16.76 18.64
CA LYS A 56 -0.33 -17.55 17.87
C LYS A 56 -0.40 -17.12 16.39
N LYS A 57 -0.70 -15.85 16.12
CA LYS A 57 -0.76 -15.29 14.77
C LYS A 57 -0.39 -13.80 14.87
N ASN A 58 0.71 -13.40 14.21
CA ASN A 58 1.19 -12.01 14.25
C ASN A 58 0.27 -11.12 13.40
N GLY A 59 0.41 -9.81 13.54
CA GLY A 59 -0.42 -8.83 12.85
C GLY A 59 -0.30 -8.81 11.34
N ILE A 60 0.88 -9.12 10.81
CA ILE A 60 1.10 -9.15 9.37
C ILE A 60 0.32 -10.33 8.75
N ASP A 61 0.38 -11.51 9.39
CA ASP A 61 -0.35 -12.69 8.93
C ASP A 61 -1.85 -12.50 9.12
N THR A 62 -2.26 -11.82 10.20
CA THR A 62 -3.67 -11.51 10.48
C THR A 62 -4.20 -10.58 9.37
N LEU A 63 -3.39 -9.56 9.02
CA LEU A 63 -3.74 -8.59 7.98
C LEU A 63 -3.91 -9.28 6.62
N LYS A 64 -2.97 -10.16 6.27
CA LYS A 64 -3.03 -10.89 5.00
C LYS A 64 -4.28 -11.77 4.94
N ALA A 65 -4.61 -12.46 6.04
CA ALA A 65 -5.77 -13.35 6.12
C ALA A 65 -7.07 -12.56 6.08
N LEU A 66 -7.20 -11.48 6.86
CA LEU A 66 -8.42 -10.70 6.90
C LEU A 66 -8.71 -10.00 5.56
N ARG A 67 -7.65 -9.59 4.82
CA ARG A 67 -7.80 -8.90 3.53
C ARG A 67 -8.33 -9.83 2.42
N GLN A 68 -8.32 -11.16 2.66
CA GLN A 68 -8.89 -12.10 1.69
C GLN A 68 -10.43 -12.02 1.70
N THR A 69 -11.04 -11.63 2.83
CA THR A 69 -12.51 -11.59 2.97
C THR A 69 -13.09 -10.21 3.38
N HIS A 70 -12.29 -9.36 4.04
CA HIS A 70 -12.77 -8.08 4.55
C HIS A 70 -11.94 -6.89 4.07
N GLN A 71 -12.65 -5.80 3.74
CA GLN A 71 -12.05 -4.53 3.30
C GLN A 71 -12.04 -3.55 4.46
N THR A 72 -12.36 -4.03 5.67
CA THR A 72 -12.43 -3.23 6.91
C THR A 72 -11.20 -2.33 7.07
N PRO A 73 -11.38 -1.02 7.35
CA PRO A 73 -10.23 -0.15 7.61
C PRO A 73 -9.31 -0.71 8.71
N VAL A 74 -7.98 -0.64 8.47
CA VAL A 74 -6.97 -1.16 9.41
C VAL A 74 -5.91 -0.09 9.68
N ILE A 75 -5.62 0.17 10.95
CA ILE A 75 -4.51 1.03 11.36
C ILE A 75 -3.58 0.14 12.11
N MET A 76 -2.32 0.04 11.63
CA MET A 76 -1.31 -0.74 12.38
C MET A 76 -0.87 0.14 13.56
N LEU A 77 -0.80 -0.44 14.79
CA LEU A 77 -0.43 0.27 16.01
C LEU A 77 0.55 -0.63 16.71
N THR A 78 1.86 -0.37 16.52
CA THR A 78 2.92 -1.29 16.89
C THR A 78 4.27 -0.64 17.21
N ALA A 79 5.09 -1.33 18.04
CA ALA A 79 6.44 -0.92 18.38
C ALA A 79 7.39 -1.05 17.17
N ARG A 80 6.96 -1.80 16.12
CA ARG A 80 7.71 -1.97 14.88
C ARG A 80 7.50 -0.70 14.06
N GLY A 81 8.26 0.33 14.35
CA GLY A 81 8.05 1.61 13.70
C GLY A 81 9.07 2.11 12.71
N SER A 82 10.00 1.24 12.23
CA SER A 82 10.98 1.68 11.22
C SER A 82 10.26 2.01 9.91
N GLU A 83 10.92 2.79 9.02
CA GLU A 83 10.31 3.18 7.74
C GLU A 83 9.91 1.98 6.92
N LEU A 84 10.69 0.89 7.07
CA LEU A 84 10.47 -0.40 6.40
C LEU A 84 9.23 -1.07 6.83
N ASP A 85 9.05 -1.13 8.15
CA ASP A 85 7.90 -1.75 8.79
C ASP A 85 6.65 -1.04 8.34
N ARG A 86 6.71 0.31 8.29
CA ARG A 86 5.59 1.18 7.91
C ARG A 86 5.17 0.89 6.45
N VAL A 87 6.12 0.87 5.50
CA VAL A 87 5.84 0.61 4.08
C VAL A 87 5.23 -0.80 3.94
N LEU A 88 5.79 -1.79 4.63
CA LEU A 88 5.33 -3.17 4.56
C LEU A 88 3.86 -3.30 4.93
N GLY A 89 3.51 -2.71 6.07
CA GLY A 89 2.16 -2.71 6.60
C GLY A 89 1.14 -2.12 5.65
N LEU A 90 1.47 -0.94 5.10
CA LEU A 90 0.61 -0.22 4.17
C LEU A 90 0.42 -1.02 2.89
N GLU A 91 1.50 -1.57 2.34
CA GLU A 91 1.43 -2.34 1.11
C GLU A 91 0.68 -3.64 1.27
N LEU A 92 0.68 -4.24 2.49
CA LEU A 92 -0.04 -5.49 2.73
C LEU A 92 -1.55 -5.30 2.96
N GLY A 93 -2.00 -4.05 2.98
CA GLY A 93 -3.42 -3.76 3.14
C GLY A 93 -3.86 -2.80 4.23
N ALA A 94 -2.92 -2.28 5.05
CA ALA A 94 -3.31 -1.32 6.09
C ALA A 94 -3.56 0.06 5.50
N ASP A 95 -4.50 0.79 6.08
CA ASP A 95 -4.86 2.13 5.63
C ASP A 95 -3.93 3.17 6.22
N ASP A 96 -3.47 2.91 7.44
CA ASP A 96 -2.57 3.80 8.17
C ASP A 96 -1.64 2.95 9.03
N TYR A 97 -0.58 3.58 9.53
CA TYR A 97 0.45 2.97 10.34
C TYR A 97 0.94 4.01 11.32
N LEU A 98 0.67 3.77 12.62
CA LEU A 98 1.09 4.63 13.73
C LEU A 98 2.04 3.88 14.72
N PRO A 99 3.39 4.17 14.68
CA PRO A 99 4.29 3.47 15.63
C PRO A 99 4.04 3.83 17.13
N LYS A 100 4.41 2.87 17.99
CA LYS A 100 4.43 3.03 19.44
C LYS A 100 5.83 3.52 19.82
N PRO A 101 6.03 4.46 20.78
CA PRO A 101 5.03 5.20 21.57
C PRO A 101 4.25 6.16 20.69
N PHE A 102 2.98 6.31 20.98
CA PHE A 102 2.14 7.18 20.20
C PHE A 102 1.51 8.24 21.08
N ASN A 103 1.10 9.34 20.44
CA ASN A 103 0.42 10.47 21.05
C ASN A 103 -1.09 10.15 21.02
N ASP A 104 -1.80 10.10 22.21
CA ASP A 104 -3.24 9.78 22.35
C ASP A 104 -4.10 10.56 21.38
N ARG A 105 -3.83 11.86 21.27
CA ARG A 105 -4.62 12.75 20.42
C ARG A 105 -4.44 12.42 18.95
N GLU A 106 -3.22 12.06 18.53
CA GLU A 106 -2.98 11.71 17.14
C GLU A 106 -3.68 10.39 16.81
N LEU A 107 -3.66 9.42 17.73
CA LEU A 107 -4.34 8.14 17.54
C LEU A 107 -5.83 8.37 17.30
N VAL A 108 -6.47 9.13 18.18
CA VAL A 108 -7.90 9.44 18.09
C VAL A 108 -8.20 10.17 16.77
N ALA A 109 -7.35 11.16 16.37
CA ALA A 109 -7.55 11.91 15.12
C ALA A 109 -7.39 11.01 13.88
N ARG A 110 -6.46 10.01 13.91
CA ARG A 110 -6.27 9.12 12.79
C ARG A 110 -7.45 8.15 12.67
N ILE A 111 -8.03 7.72 13.82
CA ILE A 111 -9.24 6.87 13.85
C ILE A 111 -10.41 7.67 13.22
N ARG A 112 -10.59 8.91 13.69
CA ARG A 112 -11.64 9.79 13.22
C ARG A 112 -11.49 10.11 11.72
N ALA A 113 -10.25 10.30 11.21
CA ALA A 113 -10.01 10.60 9.80
C ALA A 113 -10.42 9.44 8.90
N ILE A 114 -10.07 8.20 9.29
CA ILE A 114 -10.43 7.04 8.48
C ILE A 114 -11.95 6.79 8.55
N LEU A 115 -12.59 6.96 9.72
CA LEU A 115 -14.02 6.75 9.86
C LEU A 115 -14.84 7.86 9.15
N ARG A 116 -14.24 9.06 9.00
CA ARG A 116 -14.85 10.16 8.24
C ARG A 116 -14.90 9.75 6.76
N ARG A 117 -13.83 9.12 6.24
CA ARG A 117 -13.78 8.63 4.85
C ARG A 117 -14.81 7.49 4.67
N SER A 118 -14.96 6.61 5.68
CA SER A 118 -15.95 5.53 5.63
C SER A 118 -17.37 6.12 5.55
N HIS A 119 -17.64 7.19 6.32
CA HIS A 119 -18.93 7.88 6.31
C HIS A 119 -19.21 8.52 4.94
N TRP A 120 -18.20 9.14 4.30
CA TRP A 120 -18.34 9.74 2.96
C TRP A 120 -18.73 8.67 1.94
N SER A 121 -18.09 7.48 2.01
CA SER A 121 -18.36 6.34 1.13
C SER A 121 -19.78 5.82 1.33
N GLU A 122 -20.25 5.74 2.61
CA GLU A 122 -21.59 5.28 2.99
C GLU A 122 -22.68 6.20 2.46
N GLN A 123 -22.44 7.54 2.52
CA GLN A 123 -23.37 8.57 2.02
C GLN A 123 -23.54 8.44 0.50
N LYS A 124 -22.41 8.28 -0.22
CA LYS A 124 -22.32 8.11 -1.67
C LYS A 124 -23.02 6.82 -2.11
N LEU A 125 -22.78 5.71 -1.37
CA LEU A 125 -23.34 4.39 -1.63
C LEU A 125 -24.87 4.38 -1.49
N ALA A 126 -25.41 5.03 -0.43
CA ALA A 126 -26.85 5.13 -0.16
C ALA A 126 -27.57 5.94 -1.27
N ALA A 127 -26.88 6.95 -1.84
CA ALA A 127 -27.41 7.80 -2.91
C ALA A 127 -27.49 7.03 -4.24
N ASN B 2 -5.39 7.51 -11.13
CA ASN B 2 -4.18 7.81 -10.39
C ASN B 2 -3.68 9.25 -10.69
N LYS B 3 -4.60 10.22 -10.70
CA LYS B 3 -4.27 11.63 -10.91
C LYS B 3 -4.06 12.35 -9.58
N ILE B 4 -2.85 12.90 -9.39
CA ILE B 4 -2.45 13.59 -8.17
C ILE B 4 -2.25 15.08 -8.43
N LEU B 5 -2.86 15.91 -7.58
CA LEU B 5 -2.67 17.36 -7.62
C LEU B 5 -1.68 17.68 -6.51
N LEU B 6 -0.46 18.03 -6.90
CA LEU B 6 0.63 18.38 -5.97
C LEU B 6 0.62 19.90 -5.76
N VAL B 7 0.50 20.33 -4.51
CA VAL B 7 0.42 21.75 -4.17
C VAL B 7 1.55 22.10 -3.20
N ASP B 8 2.53 22.88 -3.67
CA ASP B 8 3.68 23.33 -2.91
C ASP B 8 4.32 24.50 -3.64
N ASP B 9 4.74 25.53 -2.89
CA ASP B 9 5.38 26.73 -3.45
C ASP B 9 6.84 26.47 -3.83
N ASP B 10 7.47 25.42 -3.27
CA ASP B 10 8.86 25.07 -3.56
C ASP B 10 8.92 24.37 -4.90
N ARG B 11 9.32 25.11 -5.95
CA ARG B 11 9.42 24.62 -7.33
C ARG B 11 10.50 23.53 -7.49
N GLU B 12 11.55 23.56 -6.65
CA GLU B 12 12.59 22.53 -6.65
C GLU B 12 11.99 21.21 -6.12
N LEU B 13 11.21 21.28 -5.02
CA LEU B 13 10.57 20.08 -4.47
C LEU B 13 9.48 19.53 -5.39
N THR B 14 8.62 20.39 -5.98
CA THR B 14 7.54 19.93 -6.86
C THR B 14 8.12 19.23 -8.10
N SER B 15 9.23 19.75 -8.69
CA SER B 15 9.87 19.13 -9.85
C SER B 15 10.40 17.73 -9.50
N LEU B 16 11.06 17.61 -8.34
CA LEU B 16 11.61 16.35 -7.84
C LEU B 16 10.51 15.33 -7.50
N LEU B 17 9.44 15.77 -6.80
CA LEU B 17 8.31 14.91 -6.44
C LEU B 17 7.50 14.49 -7.66
N LYS B 18 7.28 15.40 -8.63
CA LYS B 18 6.56 15.09 -9.87
C LYS B 18 7.27 13.96 -10.60
N GLU B 19 8.62 14.04 -10.72
CA GLU B 19 9.44 13.03 -11.38
C GLU B 19 9.36 11.69 -10.62
N LEU B 20 9.47 11.71 -9.28
CA LEU B 20 9.39 10.53 -8.44
C LEU B 20 8.03 9.82 -8.61
N LEU B 21 6.92 10.58 -8.50
CA LEU B 21 5.57 10.04 -8.61
C LEU B 21 5.21 9.57 -10.02
N GLU B 22 5.70 10.26 -11.07
CA GLU B 22 5.47 9.82 -12.45
C GLU B 22 6.18 8.51 -12.71
N MET B 23 7.37 8.33 -12.10
CA MET B 23 8.16 7.10 -12.20
C MET B 23 7.44 5.94 -11.47
N GLU B 24 6.55 6.28 -10.52
CA GLU B 24 5.74 5.32 -9.75
C GLU B 24 4.36 5.07 -10.42
N GLY B 25 4.18 5.60 -11.62
CA GLY B 25 2.97 5.41 -12.43
C GLY B 25 1.83 6.38 -12.24
N PHE B 26 2.06 7.50 -11.56
CA PHE B 26 0.98 8.47 -11.35
C PHE B 26 1.01 9.60 -12.37
N ASN B 27 -0.16 10.21 -12.61
CA ASN B 27 -0.34 11.40 -13.44
C ASN B 27 -0.31 12.57 -12.46
N VAL B 28 0.70 13.46 -12.58
CA VAL B 28 0.86 14.55 -11.62
C VAL B 28 0.66 15.91 -12.26
N ILE B 29 -0.15 16.78 -11.63
CA ILE B 29 -0.34 18.18 -12.03
C ILE B 29 0.08 19.03 -10.83
N VAL B 30 0.70 20.19 -11.08
CA VAL B 30 1.28 21.01 -10.01
C VAL B 30 0.60 22.40 -9.89
N ALA B 31 0.40 22.84 -8.63
CA ALA B 31 -0.08 24.16 -8.22
C ALA B 31 0.96 24.73 -7.24
N HIS B 32 1.25 26.04 -7.32
CA HIS B 32 2.30 26.59 -6.45
C HIS B 32 1.74 27.42 -5.29
N ASP B 33 0.42 27.49 -5.13
CA ASP B 33 -0.27 28.16 -4.02
C ASP B 33 -1.71 27.61 -3.91
N GLY B 34 -2.39 27.91 -2.81
CA GLY B 34 -3.75 27.47 -2.52
C GLY B 34 -4.80 27.92 -3.51
N GLU B 35 -4.66 29.15 -4.05
CA GLU B 35 -5.59 29.70 -5.03
C GLU B 35 -5.52 28.91 -6.33
N GLN B 36 -4.30 28.61 -6.82
CA GLN B 36 -4.09 27.81 -8.03
C GLN B 36 -4.62 26.38 -7.82
N ALA B 37 -4.46 25.84 -6.59
CA ALA B 37 -4.94 24.50 -6.22
C ALA B 37 -6.47 24.40 -6.38
N LEU B 38 -7.19 25.40 -5.85
CA LEU B 38 -8.65 25.42 -5.92
C LEU B 38 -9.12 25.59 -7.37
N ASP B 39 -8.31 26.27 -8.21
CA ASP B 39 -8.62 26.44 -9.64
C ASP B 39 -8.47 25.11 -10.37
N LEU B 40 -7.48 24.29 -9.98
CA LEU B 40 -7.21 23.01 -10.63
C LEU B 40 -7.98 21.83 -10.03
N LEU B 41 -8.66 22.01 -8.88
CA LEU B 41 -9.39 20.91 -8.26
C LEU B 41 -10.76 20.70 -8.88
N ASP B 42 -10.94 19.52 -9.46
CA ASP B 42 -12.19 19.07 -10.06
C ASP B 42 -12.34 17.57 -9.80
N ASP B 43 -13.38 16.94 -10.36
CA ASP B 43 -13.68 15.51 -10.17
C ASP B 43 -12.60 14.56 -10.76
N SER B 44 -11.70 15.05 -11.65
CA SER B 44 -10.64 14.21 -12.24
C SER B 44 -9.49 13.94 -11.26
N ILE B 45 -9.40 14.71 -10.16
CA ILE B 45 -8.34 14.57 -9.15
C ILE B 45 -8.68 13.41 -8.20
N ASP B 46 -7.74 12.48 -8.03
CA ASP B 46 -7.92 11.34 -7.15
C ASP B 46 -7.33 11.58 -5.78
N LEU B 47 -6.33 12.47 -5.69
CA LEU B 47 -5.65 12.80 -4.45
C LEU B 47 -4.92 14.13 -4.53
N LEU B 48 -4.89 14.86 -3.42
CA LEU B 48 -4.11 16.09 -3.25
C LEU B 48 -2.99 15.91 -2.27
N LEU B 49 -1.79 16.39 -2.62
CA LEU B 49 -0.64 16.50 -1.71
C LEU B 49 -0.58 17.97 -1.43
N LEU B 50 -1.03 18.39 -0.25
CA LEU B 50 -1.20 19.80 0.02
C LEU B 50 -0.22 20.33 1.05
N ASP B 51 0.69 21.20 0.60
CA ASP B 51 1.66 21.83 1.49
C ASP B 51 0.96 22.74 2.49
N VAL B 52 1.39 22.74 3.74
CA VAL B 52 0.74 23.56 4.77
C VAL B 52 1.16 25.05 4.65
N MET B 53 2.47 25.32 4.55
CA MET B 53 3.01 26.68 4.51
C MET B 53 3.27 27.17 3.07
N MET B 54 2.44 28.12 2.57
CA MET B 54 2.50 28.70 1.22
C MET B 54 2.04 30.17 1.18
N PRO B 55 2.49 30.97 0.17
CA PRO B 55 1.94 32.34 0.04
C PRO B 55 0.55 32.31 -0.64
N LYS B 56 -0.17 33.45 -0.60
CA LYS B 56 -1.52 33.71 -1.17
C LYS B 56 -2.63 33.01 -0.35
N LYS B 57 -2.55 31.67 -0.24
CA LYS B 57 -3.49 30.86 0.53
C LYS B 57 -2.75 29.63 1.05
N ASN B 58 -2.64 29.49 2.38
CA ASN B 58 -1.92 28.37 3.01
C ASN B 58 -2.75 27.08 2.88
N GLY B 59 -2.11 25.96 3.15
CA GLY B 59 -2.74 24.64 3.08
C GLY B 59 -3.95 24.41 3.96
N ILE B 60 -3.96 24.97 5.19
CA ILE B 60 -5.09 24.81 6.12
C ILE B 60 -6.33 25.53 5.57
N ASP B 61 -6.16 26.76 5.06
CA ASP B 61 -7.25 27.53 4.47
C ASP B 61 -7.73 26.88 3.17
N THR B 62 -6.79 26.31 2.38
CA THR B 62 -7.10 25.60 1.13
C THR B 62 -7.95 24.37 1.48
N LEU B 63 -7.55 23.63 2.53
CA LEU B 63 -8.25 22.43 2.99
C LEU B 63 -9.68 22.77 3.41
N LYS B 64 -9.85 23.83 4.21
CA LYS B 64 -11.17 24.26 4.66
C LYS B 64 -12.08 24.62 3.49
N ALA B 65 -11.53 25.34 2.49
CA ALA B 65 -12.28 25.77 1.32
C ALA B 65 -12.64 24.59 0.42
N LEU B 66 -11.66 23.69 0.12
CA LEU B 66 -11.92 22.56 -0.76
C LEU B 66 -12.92 21.57 -0.15
N ARG B 67 -12.93 21.41 1.20
CA ARG B 67 -13.83 20.48 1.88
C ARG B 67 -15.29 20.94 1.85
N GLN B 68 -15.55 22.21 1.47
CA GLN B 68 -16.91 22.68 1.32
C GLN B 68 -17.57 22.08 0.07
N THR B 69 -16.77 21.70 -0.95
CA THR B 69 -17.32 21.17 -2.21
C THR B 69 -16.75 19.78 -2.62
N HIS B 70 -15.55 19.41 -2.15
CA HIS B 70 -14.92 18.16 -2.55
C HIS B 70 -14.53 17.27 -1.38
N GLN B 71 -14.74 15.96 -1.57
CA GLN B 71 -14.40 14.93 -0.59
C GLN B 71 -13.07 14.26 -0.99
N THR B 72 -12.37 14.83 -2.00
CA THR B 72 -11.11 14.32 -2.55
C THR B 72 -10.10 13.98 -1.44
N PRO B 73 -9.49 12.76 -1.46
CA PRO B 73 -8.47 12.44 -0.46
C PRO B 73 -7.36 13.50 -0.42
N VAL B 74 -6.94 13.89 0.79
CA VAL B 74 -5.91 14.92 1.00
C VAL B 74 -4.81 14.43 1.97
N ILE B 75 -3.53 14.56 1.56
CA ILE B 75 -2.37 14.32 2.41
C ILE B 75 -1.68 15.66 2.60
N MET B 76 -1.59 16.12 3.82
CA MET B 76 -0.91 17.39 4.10
C MET B 76 0.60 17.19 4.19
N LEU B 77 1.37 18.16 3.69
CA LEU B 77 2.84 18.15 3.78
C LEU B 77 3.25 19.21 4.79
N THR B 78 4.03 18.88 5.83
CA THR B 78 4.38 19.94 6.77
C THR B 78 5.85 19.95 7.10
N ALA B 79 6.44 21.16 7.13
CA ALA B 79 7.83 21.41 7.50
C ALA B 79 7.83 21.65 8.98
N ARG B 80 6.67 22.15 9.46
CA ARG B 80 6.39 22.46 10.85
C ARG B 80 6.59 21.21 11.67
N GLY B 81 7.35 21.39 12.74
CA GLY B 81 7.66 20.32 13.67
C GLY B 81 6.57 20.09 14.71
N SER B 82 5.47 20.90 14.68
CA SER B 82 4.35 20.86 15.62
C SER B 82 3.40 19.72 15.27
N GLU B 83 3.66 18.58 15.96
CA GLU B 83 2.99 17.28 15.90
C GLU B 83 1.53 17.39 16.30
N LEU B 84 1.21 18.27 17.28
CA LEU B 84 -0.19 18.43 17.65
C LEU B 84 -0.83 19.30 16.64
N ASP B 85 -0.05 20.20 15.96
CA ASP B 85 -0.57 20.98 14.84
C ASP B 85 -1.03 20.05 13.74
N ARG B 86 -0.58 18.81 13.79
CA ARG B 86 -1.06 17.81 12.81
C ARG B 86 -2.49 17.32 13.10
N VAL B 87 -2.86 17.16 14.37
CA VAL B 87 -4.22 16.77 14.80
C VAL B 87 -5.23 17.77 14.18
N LEU B 88 -4.86 19.05 14.16
CA LEU B 88 -5.68 20.12 13.59
C LEU B 88 -6.03 19.81 12.14
N GLY B 89 -5.04 19.41 11.34
CA GLY B 89 -5.26 19.08 9.94
C GLY B 89 -6.18 17.91 9.72
N LEU B 90 -5.98 16.82 10.49
CA LEU B 90 -6.84 15.65 10.40
C LEU B 90 -8.28 16.00 10.75
N GLU B 91 -8.48 16.78 11.82
CA GLU B 91 -9.81 17.19 12.23
C GLU B 91 -10.46 18.14 11.21
N LEU B 92 -9.66 18.94 10.48
CA LEU B 92 -10.18 19.86 9.47
C LEU B 92 -10.51 19.18 8.14
N GLY B 93 -10.29 17.87 8.03
CA GLY B 93 -10.62 17.13 6.81
C GLY B 93 -9.54 16.36 6.09
N ALA B 94 -8.28 16.47 6.53
CA ALA B 94 -7.16 15.79 5.89
C ALA B 94 -7.17 14.30 6.24
N ASP B 95 -6.75 13.44 5.28
CA ASP B 95 -6.70 11.98 5.45
C ASP B 95 -5.39 11.53 6.08
N ASP B 96 -4.28 12.27 5.83
CA ASP B 96 -2.98 11.98 6.41
C ASP B 96 -2.05 13.21 6.38
N TYR B 97 -0.87 13.01 6.95
CA TYR B 97 0.20 13.96 7.09
C TYR B 97 1.51 13.35 6.81
N LEU B 98 2.32 14.06 6.04
CA LEU B 98 3.68 13.62 5.79
C LEU B 98 4.65 14.75 6.20
N PRO B 99 5.62 14.44 7.09
CA PRO B 99 6.56 15.49 7.54
C PRO B 99 7.69 15.74 6.57
N LYS B 100 8.16 16.98 6.45
CA LYS B 100 9.29 17.31 5.59
C LYS B 100 10.52 17.56 6.51
N PRO B 101 11.71 16.93 6.30
CA PRO B 101 12.07 15.98 5.22
C PRO B 101 11.38 14.64 5.42
N PHE B 102 10.98 14.03 4.32
CA PHE B 102 10.24 12.79 4.36
C PHE B 102 10.93 11.72 3.60
N ASN B 103 10.41 10.51 3.83
CA ASN B 103 10.92 9.32 3.23
C ASN B 103 10.10 9.04 1.94
N ASP B 104 10.82 8.98 0.80
CA ASP B 104 10.23 8.74 -0.53
C ASP B 104 9.35 7.51 -0.55
N ARG B 105 9.86 6.40 -0.03
CA ARG B 105 9.17 5.12 0.06
C ARG B 105 7.90 5.18 0.85
N GLU B 106 7.91 5.88 2.02
CA GLU B 106 6.73 6.03 2.89
C GLU B 106 5.69 6.93 2.22
N LEU B 107 6.13 8.00 1.54
CA LEU B 107 5.22 8.90 0.83
C LEU B 107 4.43 8.10 -0.19
N VAL B 108 5.12 7.34 -1.04
CA VAL B 108 4.52 6.53 -2.10
C VAL B 108 3.56 5.49 -1.49
N ALA B 109 3.96 4.81 -0.38
CA ALA B 109 3.12 3.80 0.27
C ALA B 109 1.85 4.41 0.85
N ARG B 110 1.94 5.63 1.41
CA ARG B 110 0.78 6.28 1.99
C ARG B 110 -0.17 6.72 0.88
N ILE B 111 0.36 7.18 -0.27
CA ILE B 111 -0.45 7.54 -1.44
C ILE B 111 -1.21 6.31 -1.93
N ARG B 112 -0.48 5.19 -2.09
CA ARG B 112 -1.01 3.93 -2.55
C ARG B 112 -2.09 3.39 -1.61
N ALA B 113 -1.88 3.50 -0.28
CA ALA B 113 -2.84 3.00 0.71
C ALA B 113 -4.16 3.76 0.64
N ILE B 114 -4.13 5.10 0.51
CA ILE B 114 -5.34 5.89 0.43
C ILE B 114 -6.06 5.65 -0.91
N LEU B 115 -5.31 5.52 -2.03
CA LEU B 115 -5.93 5.28 -3.33
C LEU B 115 -6.51 3.88 -3.43
N ARG B 116 -5.95 2.92 -2.69
CA ARG B 116 -6.49 1.56 -2.63
C ARG B 116 -7.87 1.61 -1.96
N ARG B 117 -8.01 2.40 -0.87
CA ARG B 117 -9.28 2.56 -0.17
C ARG B 117 -10.30 3.28 -1.07
N SER B 118 -9.83 4.29 -1.86
CA SER B 118 -10.71 5.00 -2.81
C SER B 118 -11.27 4.04 -3.84
N HIS B 119 -10.40 3.12 -4.35
CA HIS B 119 -10.79 2.13 -5.34
C HIS B 119 -11.83 1.14 -4.74
N TRP B 120 -11.65 0.70 -3.48
CA TRP B 120 -12.61 -0.18 -2.80
C TRP B 120 -13.99 0.47 -2.70
N SER B 121 -14.03 1.78 -2.36
CA SER B 121 -15.26 2.56 -2.26
C SER B 121 -15.95 2.70 -3.63
N GLU B 122 -15.17 2.93 -4.71
CA GLU B 122 -15.65 3.05 -6.09
C GLU B 122 -16.26 1.74 -6.60
N GLN B 123 -15.65 0.59 -6.26
CA GLN B 123 -16.13 -0.75 -6.62
C GLN B 123 -17.49 -1.02 -5.96
N LYS B 124 -17.60 -0.68 -4.67
CA LYS B 124 -18.80 -0.83 -3.83
C LYS B 124 -19.93 0.06 -4.35
N LEU B 125 -19.60 1.31 -4.73
CA LEU B 125 -20.54 2.32 -5.25
C LEU B 125 -21.12 1.88 -6.61
N ALA B 126 -20.28 1.37 -7.52
CA ALA B 126 -20.68 0.91 -8.86
C ALA B 126 -21.62 -0.31 -8.77
N ALA B 127 -21.42 -1.18 -7.75
CA ALA B 127 -22.22 -2.37 -7.52
C ALA B 127 -23.62 -2.02 -7.00
N ASN C 2 9.87 -27.11 -19.17
CA ASN C 2 9.04 -26.23 -18.34
C ASN C 2 8.83 -24.86 -19.01
N LYS C 3 7.66 -24.22 -18.73
CA LYS C 3 7.20 -22.97 -19.34
C LYS C 3 7.36 -21.77 -18.42
N ILE C 4 8.12 -20.77 -18.88
CA ILE C 4 8.44 -19.55 -18.13
C ILE C 4 7.78 -18.34 -18.80
N LEU C 5 7.09 -17.53 -17.98
CA LEU C 5 6.51 -16.27 -18.44
C LEU C 5 7.46 -15.16 -17.95
N LEU C 6 8.19 -14.53 -18.89
CA LEU C 6 9.15 -13.47 -18.60
C LEU C 6 8.49 -12.10 -18.79
N VAL C 7 8.39 -11.33 -17.69
CA VAL C 7 7.71 -10.04 -17.68
C VAL C 7 8.71 -8.93 -17.36
N ASP C 8 9.01 -8.10 -18.36
CA ASP C 8 9.93 -6.97 -18.25
C ASP C 8 9.70 -6.05 -19.44
N ASP C 9 9.72 -4.73 -19.20
CA ASP C 9 9.53 -3.72 -20.25
C ASP C 9 10.78 -3.53 -21.09
N ASP C 10 11.96 -3.94 -20.58
CA ASP C 10 13.23 -3.83 -21.30
C ASP C 10 13.30 -4.92 -22.36
N ARG C 11 13.00 -4.56 -23.62
CA ARG C 11 12.98 -5.49 -24.77
C ARG C 11 14.37 -6.06 -25.08
N GLU C 12 15.45 -5.30 -24.78
CA GLU C 12 16.82 -5.77 -24.95
C GLU C 12 17.12 -6.88 -23.93
N LEU C 13 16.70 -6.69 -22.67
CA LEU C 13 16.89 -7.71 -21.63
C LEU C 13 16.04 -8.96 -21.89
N THR C 14 14.74 -8.79 -22.26
CA THR C 14 13.87 -9.95 -22.50
C THR C 14 14.38 -10.81 -23.67
N SER C 15 14.90 -10.18 -24.76
CA SER C 15 15.45 -10.90 -25.91
C SER C 15 16.66 -11.73 -25.49
N LEU C 16 17.57 -11.12 -24.70
CA LEU C 16 18.78 -11.78 -24.20
C LEU C 16 18.44 -12.93 -23.24
N LEU C 17 17.51 -12.70 -22.29
CA LEU C 17 17.09 -13.71 -21.33
C LEU C 17 16.32 -14.85 -21.99
N LYS C 18 15.46 -14.54 -22.97
CA LYS C 18 14.70 -15.56 -23.70
C LYS C 18 15.67 -16.52 -24.38
N GLU C 19 16.71 -15.98 -25.06
CA GLU C 19 17.74 -16.79 -25.72
C GLU C 19 18.51 -17.65 -24.71
N LEU C 20 18.94 -17.05 -23.58
CA LEU C 20 19.67 -17.75 -22.53
C LEU C 20 18.85 -18.93 -21.96
N LEU C 21 17.58 -18.67 -21.60
CA LEU C 21 16.69 -19.68 -21.02
C LEU C 21 16.28 -20.76 -22.01
N GLU C 22 16.07 -20.42 -23.30
CA GLU C 22 15.74 -21.41 -24.32
C GLU C 22 16.92 -22.33 -24.54
N MET C 23 18.16 -21.80 -24.45
CA MET C 23 19.41 -22.56 -24.56
C MET C 23 19.56 -23.51 -23.36
N GLU C 24 18.88 -23.20 -22.22
CA GLU C 24 18.89 -24.00 -21.00
C GLU C 24 17.69 -25.00 -20.98
N GLY C 25 16.97 -25.11 -22.10
CA GLY C 25 15.85 -26.04 -22.27
C GLY C 25 14.47 -25.59 -21.86
N PHE C 26 14.28 -24.29 -21.60
CA PHE C 26 12.96 -23.82 -21.20
C PHE C 26 12.17 -23.25 -22.37
N ASN C 27 10.83 -23.29 -22.25
CA ASN C 27 9.88 -22.67 -23.17
C ASN C 27 9.58 -21.30 -22.59
N VAL C 28 9.94 -20.22 -23.32
CA VAL C 28 9.78 -18.88 -22.79
C VAL C 28 8.77 -18.06 -23.60
N ILE C 29 7.83 -17.41 -22.88
CA ILE C 29 6.88 -16.47 -23.48
C ILE C 29 7.11 -15.12 -22.79
N VAL C 30 6.99 -14.02 -23.54
CA VAL C 30 7.33 -12.69 -23.02
C VAL C 30 6.12 -11.74 -22.96
N ALA C 31 6.05 -10.95 -21.88
CA ALA C 31 5.10 -9.86 -21.63
C ALA C 31 5.91 -8.60 -21.33
N HIS C 32 5.50 -7.42 -21.83
CA HIS C 32 6.30 -6.22 -21.62
C HIS C 32 5.70 -5.27 -20.57
N ASP C 33 4.60 -5.68 -19.91
CA ASP C 33 3.95 -4.94 -18.82
C ASP C 33 3.07 -5.89 -18.00
N GLY C 34 2.62 -5.46 -16.83
CA GLY C 34 1.79 -6.23 -15.93
C GLY C 34 0.45 -6.67 -16.48
N GLU C 35 -0.19 -5.81 -17.30
CA GLU C 35 -1.48 -6.10 -17.92
C GLU C 35 -1.36 -7.26 -18.91
N GLN C 36 -0.30 -7.24 -19.75
CA GLN C 36 -0.03 -8.31 -20.72
C GLN C 36 0.30 -9.61 -19.96
N ALA C 37 1.00 -9.50 -18.83
CA ALA C 37 1.37 -10.66 -17.98
C ALA C 37 0.12 -11.38 -17.48
N LEU C 38 -0.86 -10.62 -16.96
CA LEU C 38 -2.09 -11.18 -16.43
C LEU C 38 -2.92 -11.81 -17.55
N ASP C 39 -2.82 -11.27 -18.78
CA ASP C 39 -3.49 -11.82 -19.96
C ASP C 39 -2.90 -13.18 -20.33
N LEU C 40 -1.56 -13.32 -20.19
CA LEU C 40 -0.86 -14.54 -20.57
C LEU C 40 -0.76 -15.57 -19.43
N LEU C 41 -1.12 -15.21 -18.19
CA LEU C 41 -0.99 -16.15 -17.07
C LEU C 41 -2.18 -17.10 -16.98
N ASP C 42 -1.88 -18.39 -17.11
CA ASP C 42 -2.83 -19.48 -17.00
C ASP C 42 -2.11 -20.68 -16.36
N ASP C 43 -2.80 -21.84 -16.25
CA ASP C 43 -2.26 -23.05 -15.63
C ASP C 43 -1.04 -23.67 -16.36
N SER C 44 -0.79 -23.27 -17.63
CA SER C 44 0.35 -23.81 -18.40
C SER C 44 1.69 -23.20 -17.96
N ILE C 45 1.65 -22.07 -17.21
CA ILE C 45 2.85 -21.39 -16.74
C ILE C 45 3.41 -22.08 -15.49
N ASP C 46 4.70 -22.45 -15.53
CA ASP C 46 5.35 -23.11 -14.42
C ASP C 46 6.08 -22.12 -13.52
N LEU C 47 6.46 -20.96 -14.06
CA LEU C 47 7.17 -19.91 -13.33
C LEU C 47 7.09 -18.56 -14.03
N LEU C 48 7.03 -17.49 -13.22
CA LEU C 48 7.09 -16.11 -13.70
C LEU C 48 8.36 -15.44 -13.26
N LEU C 49 9.02 -14.72 -14.18
CA LEU C 49 10.14 -13.84 -13.90
C LEU C 49 9.53 -12.45 -13.99
N LEU C 50 9.40 -11.74 -12.87
CA LEU C 50 8.66 -10.50 -12.87
C LEU C 50 9.49 -9.27 -12.52
N ASP C 51 9.61 -8.34 -13.48
CA ASP C 51 10.29 -7.04 -13.31
C ASP C 51 9.49 -6.16 -12.31
N VAL C 52 10.19 -5.45 -11.41
CA VAL C 52 9.57 -4.62 -10.38
C VAL C 52 9.00 -3.30 -10.96
N MET C 53 9.81 -2.58 -11.77
CA MET C 53 9.47 -1.27 -12.37
C MET C 53 9.06 -1.40 -13.84
N MET C 54 7.76 -1.17 -14.14
CA MET C 54 7.20 -1.25 -15.51
C MET C 54 6.07 -0.25 -15.73
N PRO C 55 5.79 0.18 -16.99
CA PRO C 55 4.61 1.04 -17.20
C PRO C 55 3.32 0.20 -17.21
N LYS C 56 2.14 0.88 -17.17
CA LYS C 56 0.76 0.34 -17.18
C LYS C 56 0.41 -0.34 -15.84
N LYS C 57 1.18 -1.36 -15.43
CA LYS C 57 1.00 -2.09 -14.18
C LYS C 57 2.38 -2.60 -13.73
N ASN C 58 2.85 -2.13 -12.57
CA ASN C 58 4.17 -2.52 -12.03
C ASN C 58 4.13 -3.94 -11.47
N GLY C 59 5.31 -4.48 -11.18
CA GLY C 59 5.50 -5.82 -10.65
C GLY C 59 4.76 -6.13 -9.36
N ILE C 60 4.72 -5.17 -8.41
CA ILE C 60 4.07 -5.34 -7.11
C ILE C 60 2.54 -5.48 -7.28
N ASP C 61 1.93 -4.62 -8.12
CA ASP C 61 0.51 -4.66 -8.38
C ASP C 61 0.15 -5.92 -9.17
N THR C 62 1.02 -6.34 -10.11
CA THR C 62 0.83 -7.56 -10.91
C THR C 62 0.84 -8.76 -9.96
N LEU C 63 1.82 -8.78 -9.02
CA LEU C 63 1.98 -9.85 -8.04
C LEU C 63 0.75 -9.96 -7.15
N LYS C 64 0.25 -8.83 -6.64
CA LYS C 64 -0.95 -8.82 -5.79
C LYS C 64 -2.16 -9.37 -6.54
N ALA C 65 -2.34 -8.96 -7.81
CA ALA C 65 -3.46 -9.39 -8.65
C ALA C 65 -3.37 -10.88 -8.98
N LEU C 66 -2.18 -11.35 -9.43
CA LEU C 66 -2.02 -12.74 -9.81
C LEU C 66 -2.17 -13.69 -8.61
N ARG C 67 -1.77 -13.27 -7.39
CA ARG C 67 -1.85 -14.10 -6.19
C ARG C 67 -3.28 -14.32 -5.72
N GLN C 68 -4.25 -13.53 -6.24
CA GLN C 68 -5.64 -13.74 -5.91
C GLN C 68 -6.19 -15.02 -6.58
N THR C 69 -5.60 -15.43 -7.73
CA THR C 69 -6.08 -16.60 -8.48
C THR C 69 -5.03 -17.67 -8.77
N HIS C 70 -3.74 -17.31 -8.76
CA HIS C 70 -2.66 -18.24 -9.09
C HIS C 70 -1.60 -18.35 -8.01
N GLN C 71 -1.15 -19.58 -7.76
CA GLN C 71 -0.11 -19.90 -6.80
C GLN C 71 1.22 -20.11 -7.53
N THR C 72 1.25 -19.79 -8.85
CA THR C 72 2.41 -19.94 -9.73
C THR C 72 3.69 -19.40 -9.11
N PRO C 73 4.79 -20.18 -9.09
CA PRO C 73 6.06 -19.67 -8.57
C PRO C 73 6.46 -18.35 -9.26
N VAL C 74 6.96 -17.39 -8.47
CA VAL C 74 7.36 -16.05 -8.95
C VAL C 74 8.80 -15.69 -8.45
N ILE C 75 9.68 -15.26 -9.37
CA ILE C 75 11.00 -14.69 -9.03
C ILE C 75 10.96 -13.22 -9.49
N MET C 76 11.18 -12.29 -8.55
CA MET C 76 11.20 -10.88 -8.91
C MET C 76 12.58 -10.53 -9.51
N LEU C 77 12.56 -9.61 -10.50
CA LEU C 77 13.75 -9.05 -11.14
C LEU C 77 13.82 -7.59 -10.71
N THR C 78 14.81 -7.22 -9.90
CA THR C 78 14.83 -5.87 -9.38
C THR C 78 16.01 -5.14 -9.89
N ALA C 79 15.76 -3.88 -10.13
CA ALA C 79 16.72 -2.88 -10.45
C ALA C 79 16.88 -2.10 -9.16
N ARG C 80 15.79 -2.09 -8.33
CA ARG C 80 15.67 -1.45 -7.01
C ARG C 80 16.44 -2.27 -5.97
N GLY C 81 17.73 -1.90 -5.88
CA GLY C 81 18.75 -2.49 -5.03
C GLY C 81 18.64 -2.06 -3.60
N SER C 82 17.57 -2.49 -2.93
CA SER C 82 17.37 -2.13 -1.55
C SER C 82 16.76 -3.24 -0.80
N GLU C 83 17.41 -3.49 0.35
CA GLU C 83 17.15 -4.61 1.22
C GLU C 83 15.72 -4.66 1.52
N LEU C 84 15.37 -3.61 2.19
CA LEU C 84 14.06 -3.14 2.59
C LEU C 84 13.00 -3.39 1.53
N ASP C 85 13.38 -3.15 0.29
CA ASP C 85 12.52 -3.31 -0.87
C ASP C 85 12.13 -4.72 -1.06
N ARG C 86 13.11 -5.60 -1.05
CA ARG C 86 12.93 -7.01 -1.33
C ARG C 86 12.05 -7.73 -0.30
N VAL C 87 11.98 -7.22 0.92
CA VAL C 87 11.12 -7.83 1.93
C VAL C 87 9.65 -7.71 1.49
N LEU C 88 9.30 -6.56 0.94
CA LEU C 88 7.95 -6.27 0.48
C LEU C 88 7.47 -7.29 -0.54
N GLY C 89 8.25 -7.55 -1.59
CA GLY C 89 7.90 -8.51 -2.64
C GLY C 89 7.74 -9.93 -2.14
N LEU C 90 8.65 -10.37 -1.23
CA LEU C 90 8.57 -11.70 -0.63
C LEU C 90 7.30 -11.84 0.20
N GLU C 91 6.99 -10.83 1.02
CA GLU C 91 5.79 -10.86 1.85
C GLU C 91 4.51 -10.77 1.02
N LEU C 92 4.54 -10.13 -0.15
CA LEU C 92 3.38 -10.01 -1.03
C LEU C 92 3.13 -11.26 -1.88
N GLY C 93 3.99 -12.27 -1.77
CA GLY C 93 3.81 -13.52 -2.49
C GLY C 93 4.90 -14.04 -3.41
N ALA C 94 5.98 -13.27 -3.63
CA ALA C 94 7.06 -13.75 -4.48
C ALA C 94 7.87 -14.82 -3.76
N ASP C 95 8.45 -15.77 -4.52
CA ASP C 95 9.27 -16.88 -4.01
C ASP C 95 10.74 -16.52 -3.86
N ASP C 96 11.25 -15.66 -4.76
CA ASP C 96 12.64 -15.26 -4.75
C ASP C 96 12.84 -13.94 -5.47
N TYR C 97 14.08 -13.42 -5.38
CA TYR C 97 14.53 -12.19 -5.98
C TYR C 97 15.85 -12.40 -6.64
N LEU C 98 16.00 -11.77 -7.80
CA LEU C 98 17.24 -11.72 -8.54
C LEU C 98 17.56 -10.26 -8.83
N PRO C 99 18.36 -9.59 -7.97
CA PRO C 99 18.66 -8.18 -8.24
C PRO C 99 19.56 -8.03 -9.44
N LYS C 100 19.32 -6.99 -10.24
CA LYS C 100 20.06 -6.60 -11.44
C LYS C 100 21.18 -5.60 -11.07
N PRO C 101 22.37 -5.69 -11.71
CA PRO C 101 22.80 -6.67 -12.71
C PRO C 101 22.93 -8.05 -12.07
N PHE C 102 22.72 -9.09 -12.85
CA PHE C 102 22.80 -10.41 -12.28
C PHE C 102 23.69 -11.32 -13.06
N ASN C 103 24.13 -12.36 -12.38
CA ASN C 103 24.92 -13.45 -12.90
C ASN C 103 23.94 -14.44 -13.53
N ASP C 104 24.23 -14.84 -14.77
CA ASP C 104 23.40 -15.76 -15.55
C ASP C 104 23.25 -17.13 -14.89
N ARG C 105 24.36 -17.66 -14.37
CA ARG C 105 24.44 -18.96 -13.70
C ARG C 105 23.54 -19.00 -12.45
N GLU C 106 23.51 -17.92 -11.65
CA GLU C 106 22.67 -17.84 -10.44
C GLU C 106 21.19 -17.78 -10.80
N LEU C 107 20.86 -17.01 -11.85
CA LEU C 107 19.48 -16.89 -12.33
C LEU C 107 18.94 -18.27 -12.70
N VAL C 108 19.68 -18.99 -13.54
CA VAL C 108 19.29 -20.32 -14.01
C VAL C 108 19.16 -21.28 -12.81
N ALA C 109 20.12 -21.25 -11.85
CA ALA C 109 20.09 -22.13 -10.67
C ALA C 109 18.86 -21.84 -9.78
N ARG C 110 18.46 -20.55 -9.64
CA ARG C 110 17.32 -20.19 -8.81
C ARG C 110 16.03 -20.66 -9.48
N ILE C 111 15.96 -20.60 -10.83
CA ILE C 111 14.81 -21.09 -11.61
C ILE C 111 14.69 -22.60 -11.40
N ARG C 112 15.80 -23.29 -11.56
CA ARG C 112 15.87 -24.74 -11.42
C ARG C 112 15.52 -25.22 -10.01
N ALA C 113 15.96 -24.48 -8.97
CA ALA C 113 15.68 -24.85 -7.58
C ALA C 113 14.18 -24.78 -7.29
N ILE C 114 13.51 -23.72 -7.76
CA ILE C 114 12.08 -23.58 -7.51
C ILE C 114 11.29 -24.62 -8.32
N LEU C 115 11.69 -24.90 -9.57
CA LEU C 115 10.99 -25.88 -10.40
C LEU C 115 11.20 -27.32 -9.90
N ARG C 116 12.34 -27.56 -9.24
CA ARG C 116 12.61 -28.86 -8.62
C ARG C 116 11.60 -29.09 -7.48
N ARG C 117 11.34 -28.03 -6.66
CA ARG C 117 10.37 -28.09 -5.56
C ARG C 117 8.96 -28.28 -6.12
N SER C 118 8.64 -27.61 -7.25
CA SER C 118 7.33 -27.77 -7.90
C SER C 118 7.12 -29.20 -8.33
N HIS C 119 8.17 -29.83 -8.89
CA HIS C 119 8.11 -31.23 -9.33
C HIS C 119 7.88 -32.18 -8.13
N TRP C 120 8.56 -31.93 -6.99
CA TRP C 120 8.39 -32.74 -5.78
C TRP C 120 6.93 -32.68 -5.28
N SER C 121 6.33 -31.47 -5.30
CA SER C 121 4.94 -31.23 -4.90
C SER C 121 3.97 -31.95 -5.84
N GLU C 122 4.24 -31.93 -7.17
CA GLU C 122 3.43 -32.58 -8.21
C GLU C 122 3.43 -34.11 -8.05
N GLN C 123 4.59 -34.70 -7.71
CA GLN C 123 4.76 -36.14 -7.47
C GLN C 123 3.90 -36.58 -6.26
N LYS C 124 3.98 -35.78 -5.17
CA LYS C 124 3.27 -35.97 -3.91
C LYS C 124 1.76 -35.83 -4.10
N LEU C 125 1.32 -34.83 -4.90
CA LEU C 125 -0.08 -34.54 -5.23
C LEU C 125 -0.71 -35.67 -6.03
N ALA C 126 0.00 -36.20 -7.05
CA ALA C 126 -0.48 -37.28 -7.91
C ALA C 126 -0.68 -38.59 -7.11
N ALA C 127 0.18 -38.81 -6.09
CA ALA C 127 0.14 -39.99 -5.22
C ALA C 127 -1.05 -39.94 -4.27
#